data_7VKO
#
_entry.id   7VKO
#
_cell.length_a   104.761
_cell.length_b   104.761
_cell.length_c   204.506
_cell.angle_alpha   90.00
_cell.angle_beta   90.00
_cell.angle_gamma   120.00
#
_symmetry.space_group_name_H-M   'H 3 2'
#
loop_
_entity.id
_entity.type
_entity.pdbx_description
1 polymer 'Tyrosine-protein kinase receptor'
2 non-polymer Repotrectinib
3 non-polymer 'SULFATE ION'
4 water water
#
_entity_poly.entity_id   1
_entity_poly.type   'polypeptide(L)'
_entity_poly.pdbx_seq_one_letter_code
;MSYYHHHHHHDYDIPTTENLYFQGAMGSGIRVHHIKRRDIVLKWELGEGAFGKVFLAECHNLLPEQDKMLVAVKALKEAS
ESARQDFQREAELLTMLQHQHIVRFFGVCTEGRPLLMVFEYMRHGDLNRFLRSHGPDAKLLAGGEDVAPGPLGLGQLLAV
ASQVAAGMVYLAGLHFVHRDLATRNCLVGQGLVVKIGDFGMSRDIYSTDYYRVGGRTMLPIRWMPPESILYRKFTTESDV
WSFGVVLWEIFTYGKQPWYQLSNTEAIDCITQGRELERPRACPPEVYAIMRGCWQREPQQRHSIKDVHARLQALAQAPPV
YLDVLG
;
_entity_poly.pdbx_strand_id   A
#
loop_
_chem_comp.id
_chem_comp.type
_chem_comp.name
_chem_comp.formula
7GI non-polymer Repotrectinib 'C18 H18 F N5 O2'
SO4 non-polymer 'SULFATE ION' 'O4 S -2'
#
# COMPACT_ATOMS: atom_id res chain seq x y z
N GLY A 27 20.53 -12.79 20.16
CA GLY A 27 19.90 -14.14 20.32
C GLY A 27 18.39 -14.12 20.12
N SER A 28 17.61 -13.83 21.16
CA SER A 28 16.13 -14.03 21.22
C SER A 28 15.45 -13.19 20.13
N GLY A 29 14.60 -13.84 19.33
CA GLY A 29 13.93 -13.23 18.16
C GLY A 29 13.07 -14.22 17.40
N ILE A 30 12.61 -13.83 16.21
CA ILE A 30 11.72 -14.71 15.40
C ILE A 30 12.56 -15.48 14.38
N ARG A 31 12.27 -16.77 14.20
CA ARG A 31 13.03 -17.55 13.19
C ARG A 31 12.57 -17.08 11.83
N VAL A 32 13.47 -16.42 11.11
CA VAL A 32 13.16 -15.92 9.75
C VAL A 32 13.60 -16.99 8.75
N HIS A 33 12.69 -17.44 7.89
CA HIS A 33 13.03 -18.48 6.90
C HIS A 33 14.11 -17.95 5.97
N HIS A 34 15.29 -18.59 5.95
CA HIS A 34 16.41 -18.14 5.08
C HIS A 34 16.36 -18.92 3.76
N ILE A 35 16.75 -18.30 2.65
CA ILE A 35 16.62 -19.01 1.35
C ILE A 35 17.97 -19.11 0.65
N LYS A 36 18.27 -20.30 0.11
CA LYS A 36 19.54 -20.56 -0.62
C LYS A 36 19.52 -19.73 -1.90
N ARG A 37 20.67 -19.25 -2.35
CA ARG A 37 20.71 -18.45 -3.59
C ARG A 37 20.42 -19.35 -4.80
N ARG A 38 20.77 -20.62 -4.73
CA ARG A 38 20.56 -21.61 -5.82
C ARG A 38 19.08 -21.82 -6.11
N ASP A 39 18.17 -21.61 -5.15
CA ASP A 39 16.72 -21.79 -5.40
C ASP A 39 16.07 -20.47 -5.84
N ILE A 40 16.89 -19.45 -6.14
CA ILE A 40 16.36 -18.14 -6.56
C ILE A 40 16.98 -17.75 -7.91
N VAL A 41 16.16 -17.72 -8.96
CA VAL A 41 16.64 -17.33 -10.31
C VAL A 41 15.98 -15.99 -10.66
N LEU A 42 16.77 -14.94 -10.77
CA LEU A 42 16.19 -13.61 -11.10
C LEU A 42 15.78 -13.64 -12.57
N LYS A 43 14.55 -13.25 -12.88
CA LYS A 43 14.11 -13.16 -14.30
C LYS A 43 14.33 -11.75 -14.87
N TRP A 44 13.81 -10.69 -14.25
CA TRP A 44 13.91 -9.31 -14.78
C TRP A 44 13.46 -8.30 -13.72
N GLU A 45 13.82 -7.04 -13.91
CA GLU A 45 13.38 -5.92 -13.07
C GLU A 45 11.87 -5.74 -13.28
N LEU A 46 11.11 -5.82 -12.19
CA LEU A 46 9.75 -5.27 -12.08
C LEU A 46 9.87 -3.75 -11.88
N GLY A 47 10.87 -3.29 -11.13
CA GLY A 47 10.90 -1.87 -10.71
C GLY A 47 12.07 -1.61 -9.78
N GLU A 48 12.23 -0.34 -9.35
CA GLU A 48 13.44 0.13 -8.63
C GLU A 48 13.09 1.32 -7.72
N GLY A 49 13.06 1.09 -6.41
CA GLY A 49 12.76 2.12 -5.41
C GLY A 49 13.25 1.74 -4.03
N ALA A 50 13.49 2.75 -3.19
CA ALA A 50 13.92 2.62 -1.77
C ALA A 50 15.31 2.00 -1.80
N PHE A 51 16.12 2.50 -2.75
CA PHE A 51 17.53 2.11 -2.99
C PHE A 51 17.59 0.58 -2.98
N GLY A 52 16.56 -0.05 -3.57
CA GLY A 52 16.36 -1.50 -3.61
C GLY A 52 15.54 -1.90 -4.83
N LYS A 53 16.19 -2.30 -5.92
CA LYS A 53 15.54 -2.89 -7.12
C LYS A 53 14.60 -4.05 -6.73
N VAL A 54 13.54 -4.27 -7.49
CA VAL A 54 12.57 -5.38 -7.25
C VAL A 54 12.58 -6.24 -8.51
N PHE A 55 12.78 -7.55 -8.36
CA PHE A 55 12.90 -8.49 -9.51
C PHE A 55 11.69 -9.41 -9.53
N LEU A 56 11.25 -9.83 -10.72
CA LEU A 56 10.57 -11.13 -10.82
C LEU A 56 11.66 -12.19 -10.71
N ALA A 57 11.33 -13.33 -10.10
CA ALA A 57 12.25 -14.49 -9.96
C ALA A 57 11.48 -15.80 -9.80
N GLU A 58 12.23 -16.88 -10.03
CA GLU A 58 11.75 -18.26 -9.82
C GLU A 58 12.46 -18.81 -8.58
N CYS A 59 11.69 -19.38 -7.66
CA CYS A 59 12.25 -19.98 -6.44
C CYS A 59 12.01 -21.48 -6.46
N HIS A 60 13.08 -22.28 -6.45
CA HIS A 60 12.93 -23.75 -6.54
C HIS A 60 12.80 -24.37 -5.14
N ASN A 61 11.73 -25.14 -4.94
CA ASN A 61 11.42 -25.86 -3.68
C ASN A 61 11.30 -24.89 -2.50
N LEU A 62 10.77 -23.68 -2.74
CA LEU A 62 10.60 -22.71 -1.64
C LEU A 62 9.68 -23.41 -0.63
N LEU A 63 8.52 -23.84 -1.13
CA LEU A 63 7.55 -24.59 -0.33
C LEU A 63 7.17 -25.81 -1.15
N PRO A 64 7.03 -27.00 -0.56
CA PRO A 64 6.70 -28.23 -1.32
C PRO A 64 5.51 -28.24 -2.29
N GLU A 65 4.50 -27.39 -2.09
CA GLU A 65 3.32 -27.41 -3.01
C GLU A 65 3.76 -27.24 -4.47
N GLN A 66 4.66 -26.30 -4.75
CA GLN A 66 5.16 -26.12 -6.14
C GLN A 66 6.68 -26.25 -6.16
N ASP A 67 7.19 -27.08 -7.08
CA ASP A 67 8.63 -27.42 -7.18
C ASP A 67 9.43 -26.24 -7.75
N LYS A 68 8.88 -25.54 -8.76
CA LYS A 68 9.38 -24.23 -9.24
C LYS A 68 8.21 -23.23 -9.26
N MET A 69 8.43 -22.00 -8.75
CA MET A 69 7.33 -21.01 -8.51
C MET A 69 7.87 -19.59 -8.55
N LEU A 70 7.02 -18.67 -8.99
CA LEU A 70 7.34 -17.24 -9.30
C LEU A 70 7.28 -16.42 -8.04
N VAL A 71 8.15 -15.45 -7.92
CA VAL A 71 8.11 -14.58 -6.71
C VAL A 71 8.59 -13.19 -7.10
N ALA A 72 8.22 -12.21 -6.29
CA ALA A 72 8.91 -10.91 -6.26
C ALA A 72 10.02 -10.92 -5.18
N VAL A 73 11.11 -10.21 -5.48
CA VAL A 73 12.36 -10.15 -4.69
C VAL A 73 12.82 -8.70 -4.59
N LYS A 74 13.03 -8.23 -3.36
CA LYS A 74 13.54 -6.87 -3.09
C LYS A 74 15.05 -6.99 -2.84
N ALA A 75 15.88 -6.41 -3.73
CA ALA A 75 17.34 -6.18 -3.57
C ALA A 75 17.60 -5.03 -2.62
N LEU A 76 18.83 -4.94 -2.14
CA LEU A 76 19.32 -3.80 -1.34
C LEU A 76 20.54 -3.19 -2.03
N LYS A 77 20.51 -1.89 -2.32
CA LYS A 77 21.56 -1.20 -3.11
C LYS A 77 22.79 -1.04 -2.21
N GLU A 78 22.59 -0.80 -0.90
CA GLU A 78 23.67 -0.67 0.13
C GLU A 78 23.60 -1.87 1.07
N ALA A 79 24.75 -2.25 1.66
CA ALA A 79 24.91 -3.38 2.60
C ALA A 79 25.67 -2.93 3.85
N SER A 80 25.67 -1.62 4.16
CA SER A 80 26.30 -1.02 5.37
C SER A 80 25.65 -1.61 6.63
N GLU A 81 26.37 -1.70 7.76
CA GLU A 81 25.96 -2.48 8.97
C GLU A 81 24.77 -1.81 9.67
N SER A 82 24.54 -0.52 9.42
CA SER A 82 23.35 0.23 9.92
C SER A 82 22.20 0.15 8.90
N ALA A 83 22.39 -0.58 7.79
CA ALA A 83 21.35 -0.91 6.78
C ALA A 83 21.06 -2.43 6.77
N ARG A 84 22.04 -3.25 7.15
CA ARG A 84 21.86 -4.70 7.45
C ARG A 84 21.02 -4.85 8.72
N GLN A 85 21.09 -3.86 9.62
CA GLN A 85 20.22 -3.80 10.82
C GLN A 85 18.79 -3.49 10.34
N ASP A 86 18.58 -2.38 9.62
CA ASP A 86 17.27 -2.04 8.99
C ASP A 86 16.64 -3.37 8.54
N PHE A 87 17.44 -4.18 7.84
CA PHE A 87 17.06 -5.40 7.08
C PHE A 87 16.55 -6.47 8.05
N GLN A 88 17.29 -6.75 9.12
CA GLN A 88 16.97 -7.83 10.09
C GLN A 88 15.65 -7.47 10.80
N ARG A 89 15.52 -6.23 11.25
CA ARG A 89 14.26 -5.74 11.87
C ARG A 89 13.13 -5.98 10.85
N GLU A 90 13.26 -5.42 9.63
CA GLU A 90 12.23 -5.51 8.56
C GLU A 90 11.82 -6.98 8.40
N ALA A 91 12.81 -7.86 8.34
CA ALA A 91 12.64 -9.31 8.10
C ALA A 91 11.86 -9.95 9.25
N GLU A 92 12.29 -9.64 10.47
CA GLU A 92 11.64 -10.07 11.72
C GLU A 92 10.19 -9.55 11.69
N LEU A 93 10.02 -8.24 11.56
CA LEU A 93 8.69 -7.58 11.66
C LEU A 93 7.78 -8.16 10.57
N LEU A 94 8.29 -8.18 9.35
CA LEU A 94 7.59 -8.80 8.20
C LEU A 94 7.18 -10.23 8.57
N THR A 95 8.05 -11.05 9.22
CA THR A 95 7.78 -12.48 9.54
C THR A 95 6.53 -12.58 10.42
N MET A 96 6.41 -11.72 11.43
CA MET A 96 5.27 -11.73 12.38
C MET A 96 3.98 -11.19 11.73
N LEU A 97 4.10 -10.13 10.92
CA LEU A 97 2.92 -9.49 10.29
C LEU A 97 2.43 -10.41 9.17
N GLN A 98 1.64 -11.41 9.51
CA GLN A 98 1.09 -12.42 8.57
C GLN A 98 -0.43 -12.24 8.54
N HIS A 99 -1.02 -11.95 7.38
CA HIS A 99 -2.51 -11.79 7.26
C HIS A 99 -2.96 -11.99 5.82
N GLN A 100 -4.25 -12.33 5.67
CA GLN A 100 -4.97 -12.42 4.38
C GLN A 100 -4.57 -11.26 3.44
N HIS A 101 -4.63 -10.01 3.90
CA HIS A 101 -4.43 -8.83 3.03
C HIS A 101 -3.12 -8.15 3.39
N ILE A 102 -2.09 -8.94 3.61
CA ILE A 102 -0.68 -8.47 3.58
C ILE A 102 0.14 -9.45 2.78
N VAL A 103 0.67 -8.98 1.65
CA VAL A 103 1.55 -9.75 0.73
C VAL A 103 2.41 -10.75 1.52
N ARG A 104 2.29 -12.05 1.17
CA ARG A 104 3.02 -13.16 1.83
C ARG A 104 4.50 -12.84 1.74
N PHE A 105 5.18 -12.99 2.86
CA PHE A 105 6.65 -12.89 2.96
C PHE A 105 7.16 -14.32 3.11
N PHE A 106 8.13 -14.71 2.31
CA PHE A 106 8.57 -16.13 2.22
C PHE A 106 9.88 -16.29 3.00
N GLY A 107 10.63 -15.18 3.13
CA GLY A 107 11.88 -15.15 3.90
C GLY A 107 12.92 -14.35 3.18
N VAL A 108 14.14 -14.36 3.69
CA VAL A 108 15.21 -13.52 3.09
C VAL A 108 16.27 -14.43 2.50
N CYS A 109 17.41 -13.82 2.22
CA CYS A 109 18.58 -14.53 1.65
C CYS A 109 19.78 -13.64 1.90
N THR A 110 20.70 -14.09 2.74
CA THR A 110 21.90 -13.30 3.07
C THR A 110 23.15 -14.04 2.63
N GLU A 111 22.98 -15.21 2.00
CA GLU A 111 24.12 -16.05 1.55
C GLU A 111 25.11 -15.17 0.79
N GLY A 112 24.68 -14.57 -0.31
CA GLY A 112 25.61 -13.71 -1.06
C GLY A 112 25.43 -12.26 -0.68
N ARG A 113 25.49 -11.38 -1.67
CA ARG A 113 25.30 -9.92 -1.49
C ARG A 113 25.03 -9.34 -2.87
N PRO A 114 23.77 -9.05 -3.22
CA PRO A 114 22.97 -8.09 -2.48
C PRO A 114 22.03 -8.88 -1.57
N LEU A 115 21.64 -8.28 -0.45
CA LEU A 115 20.71 -8.95 0.48
C LEU A 115 19.36 -9.05 -0.23
N LEU A 116 18.66 -10.17 -0.10
CA LEU A 116 17.37 -10.33 -0.82
C LEU A 116 16.22 -10.54 0.16
N MET A 117 15.03 -10.13 -0.25
CA MET A 117 13.76 -10.34 0.49
C MET A 117 12.82 -10.97 -0.53
N VAL A 118 11.98 -11.90 -0.10
CA VAL A 118 11.19 -12.69 -1.08
C VAL A 118 9.73 -12.71 -0.69
N PHE A 119 8.90 -12.19 -1.57
CA PHE A 119 7.44 -12.12 -1.36
C PHE A 119 6.75 -12.89 -2.49
N GLU A 120 5.45 -13.20 -2.29
CA GLU A 120 4.62 -13.76 -3.38
C GLU A 120 4.69 -12.76 -4.54
N TYR A 121 4.53 -13.25 -5.76
CA TYR A 121 4.40 -12.40 -6.97
C TYR A 121 2.93 -11.92 -7.05
N MET A 122 2.70 -10.61 -7.08
CA MET A 122 1.35 -10.03 -7.35
C MET A 122 1.27 -9.59 -8.81
N ARG A 123 0.51 -10.32 -9.63
CA ARG A 123 0.65 -10.18 -11.10
C ARG A 123 0.25 -8.77 -11.56
N HIS A 124 -0.68 -8.05 -10.90
CA HIS A 124 -1.15 -6.71 -11.39
C HIS A 124 -0.31 -5.54 -10.83
N GLY A 125 0.77 -5.82 -10.10
CA GLY A 125 1.70 -4.76 -9.65
C GLY A 125 1.01 -3.82 -8.67
N ASP A 126 1.45 -2.58 -8.55
CA ASP A 126 0.98 -1.75 -7.42
C ASP A 126 -0.42 -1.25 -7.75
N LEU A 127 -1.23 -1.13 -6.70
CA LEU A 127 -2.64 -0.76 -6.80
C LEU A 127 -2.77 0.60 -7.50
N ASN A 128 -1.84 1.54 -7.30
CA ASN A 128 -2.01 2.89 -7.88
C ASN A 128 -1.95 2.77 -9.41
N ARG A 129 -0.93 2.07 -9.91
CA ARG A 129 -0.81 1.90 -11.39
C ARG A 129 -2.06 1.21 -11.87
N PHE A 130 -2.35 0.06 -11.29
CA PHE A 130 -3.56 -0.72 -11.61
C PHE A 130 -4.81 0.17 -11.64
N LEU A 131 -5.01 1.03 -10.65
CA LEU A 131 -6.13 2.00 -10.71
C LEU A 131 -6.01 2.82 -12.00
N ARG A 132 -4.89 3.48 -12.22
CA ARG A 132 -4.75 4.44 -13.36
C ARG A 132 -5.00 3.71 -14.69
N SER A 133 -4.73 2.41 -14.75
CA SER A 133 -4.81 1.62 -15.99
C SER A 133 -6.24 1.07 -16.19
N HIS A 134 -7.09 1.14 -15.18
CA HIS A 134 -8.55 0.87 -15.30
C HIS A 134 -9.32 2.18 -15.16
N GLY A 135 -8.63 3.29 -15.46
CA GLY A 135 -9.17 4.66 -15.53
C GLY A 135 -10.10 4.78 -16.72
N PRO A 136 -10.96 5.82 -16.75
CA PRO A 136 -11.47 6.36 -18.00
C PRO A 136 -10.34 7.16 -18.69
N ASP A 137 -9.53 7.84 -17.89
CA ASP A 137 -8.45 8.73 -18.40
C ASP A 137 -7.34 7.88 -19.01
N ALA A 138 -7.35 6.56 -18.76
CA ALA A 138 -6.31 5.60 -19.21
C ALA A 138 -5.97 5.80 -20.69
N LYS A 139 -4.68 6.05 -20.99
CA LYS A 139 -4.15 6.47 -22.34
C LYS A 139 -4.16 5.29 -23.32
N LEU A 140 -4.11 4.06 -22.81
CA LEU A 140 -4.26 2.80 -23.60
C LEU A 140 -5.11 1.83 -22.79
N LEU A 141 -5.59 0.73 -23.39
CA LEU A 141 -6.38 -0.29 -22.66
C LEU A 141 -5.45 -1.36 -22.11
N ALA A 142 -5.68 -1.76 -20.85
CA ALA A 142 -4.97 -2.84 -20.13
C ALA A 142 -5.95 -3.98 -19.86
N GLY A 143 -5.70 -5.16 -20.43
CA GLY A 143 -6.50 -6.38 -20.27
C GLY A 143 -6.16 -7.12 -18.97
N GLY A 144 -5.55 -8.30 -19.09
CA GLY A 144 -5.52 -9.34 -18.05
C GLY A 144 -6.66 -10.31 -18.27
N GLU A 145 -6.55 -11.53 -17.76
CA GLU A 145 -7.59 -12.57 -17.97
C GLU A 145 -8.58 -12.52 -16.81
N ASP A 146 -8.19 -11.96 -15.65
CA ASP A 146 -8.98 -11.98 -14.39
C ASP A 146 -9.74 -10.66 -14.20
N VAL A 147 -9.62 -9.71 -15.13
CA VAL A 147 -10.34 -8.41 -15.01
C VAL A 147 -10.61 -7.81 -16.38
N ALA A 148 -11.82 -7.25 -16.55
CA ALA A 148 -12.23 -6.40 -17.69
C ALA A 148 -11.23 -5.27 -17.84
N PRO A 149 -10.86 -4.93 -19.09
CA PRO A 149 -10.31 -3.60 -19.40
C PRO A 149 -11.30 -2.47 -19.05
N GLY A 150 -10.83 -1.23 -19.03
CA GLY A 150 -11.69 -0.05 -18.85
C GLY A 150 -12.19 0.08 -17.40
N PRO A 151 -13.07 1.06 -17.10
CA PRO A 151 -13.51 1.32 -15.74
C PRO A 151 -13.99 0.07 -14.98
N LEU A 152 -13.67 0.00 -13.69
CA LEU A 152 -13.96 -1.14 -12.81
C LEU A 152 -15.37 -1.00 -12.23
N GLY A 153 -15.99 -2.12 -11.90
CA GLY A 153 -17.32 -2.17 -11.27
C GLY A 153 -17.25 -1.58 -9.88
N LEU A 154 -18.18 -0.67 -9.56
CA LEU A 154 -18.30 -0.06 -8.22
C LEU A 154 -18.08 -1.15 -7.18
N GLY A 155 -18.65 -2.32 -7.41
CA GLY A 155 -18.60 -3.45 -6.46
C GLY A 155 -17.19 -3.99 -6.33
N GLN A 156 -16.38 -3.80 -7.37
CA GLN A 156 -14.92 -4.12 -7.35
C GLN A 156 -14.15 -3.01 -6.63
N LEU A 157 -14.29 -1.75 -7.07
CA LEU A 157 -13.75 -0.57 -6.35
C LEU A 157 -13.90 -0.77 -4.83
N LEU A 158 -15.12 -1.11 -4.40
CA LEU A 158 -15.44 -1.34 -2.98
C LEU A 158 -14.72 -2.59 -2.47
N ALA A 159 -14.54 -3.58 -3.33
CA ALA A 159 -13.90 -4.86 -2.97
C ALA A 159 -12.45 -4.57 -2.58
N VAL A 160 -11.80 -3.73 -3.41
CA VAL A 160 -10.40 -3.24 -3.26
C VAL A 160 -10.30 -2.57 -1.89
N ALA A 161 -11.00 -1.43 -1.73
CA ALA A 161 -11.17 -0.69 -0.46
C ALA A 161 -11.34 -1.68 0.68
N SER A 162 -12.31 -2.59 0.56
CA SER A 162 -12.67 -3.56 1.62
C SER A 162 -11.40 -4.31 2.06
N GLN A 163 -10.57 -4.72 1.11
CA GLN A 163 -9.39 -5.59 1.38
C GLN A 163 -8.26 -4.79 2.05
N VAL A 164 -8.10 -3.53 1.68
CA VAL A 164 -7.09 -2.61 2.29
C VAL A 164 -7.52 -2.42 3.75
N ALA A 165 -8.83 -2.29 3.98
CA ALA A 165 -9.42 -2.01 5.31
C ALA A 165 -9.21 -3.25 6.20
N ALA A 166 -9.30 -4.43 5.60
CA ALA A 166 -9.06 -5.71 6.29
C ALA A 166 -7.59 -5.83 6.72
N GLY A 167 -6.67 -5.24 5.95
CA GLY A 167 -5.25 -5.21 6.30
C GLY A 167 -5.03 -4.24 7.44
N MET A 168 -5.68 -3.09 7.34
CA MET A 168 -5.51 -1.97 8.27
C MET A 168 -5.97 -2.43 9.64
N VAL A 169 -7.06 -3.19 9.66
CA VAL A 169 -7.71 -3.68 10.90
C VAL A 169 -6.71 -4.58 11.61
N TYR A 170 -6.15 -5.56 10.90
CA TYR A 170 -5.10 -6.48 11.43
C TYR A 170 -3.98 -5.67 12.11
N LEU A 171 -3.40 -4.76 11.36
CA LEU A 171 -2.24 -3.97 11.80
C LEU A 171 -2.59 -3.15 13.05
N ALA A 172 -3.82 -2.65 13.14
CA ALA A 172 -4.34 -1.88 14.31
C ALA A 172 -4.45 -2.85 15.50
N GLY A 173 -4.97 -4.05 15.24
CA GLY A 173 -4.89 -5.24 16.11
C GLY A 173 -3.59 -5.35 16.90
N LEU A 174 -2.42 -5.10 16.29
CA LEU A 174 -1.08 -5.27 16.94
C LEU A 174 -0.49 -3.90 17.30
N HIS A 175 -1.36 -2.89 17.37
CA HIS A 175 -1.03 -1.46 17.58
C HIS A 175 0.24 -1.15 16.77
N PHE A 176 0.28 -1.66 15.53
CA PHE A 176 1.22 -1.28 14.45
C PHE A 176 0.66 -0.03 13.73
N VAL A 177 1.54 0.89 13.36
CA VAL A 177 1.20 2.16 12.67
C VAL A 177 2.03 2.24 11.41
N HIS A 178 1.33 2.13 10.28
CA HIS A 178 1.90 2.29 8.92
C HIS A 178 1.89 3.79 8.68
N ARG A 179 3.05 4.41 8.52
CA ARG A 179 3.02 5.89 8.41
C ARG A 179 2.96 6.33 6.95
N ASP A 180 2.74 5.42 6.01
CA ASP A 180 2.68 5.81 4.58
C ASP A 180 1.59 5.00 3.88
N LEU A 181 0.37 5.02 4.42
CA LEU A 181 -0.74 4.29 3.78
C LEU A 181 -1.09 5.00 2.47
N ALA A 182 -1.07 4.26 1.36
CA ALA A 182 -1.35 4.80 0.01
C ALA A 182 -1.46 3.64 -0.98
N THR A 183 -2.20 3.83 -2.08
CA THR A 183 -2.35 2.80 -3.14
C THR A 183 -0.97 2.40 -3.65
N ARG A 184 -0.01 3.33 -3.72
CA ARG A 184 1.36 3.03 -4.18
C ARG A 184 2.03 1.91 -3.36
N ASN A 185 1.66 1.80 -2.08
CA ASN A 185 2.19 0.79 -1.13
C ASN A 185 1.20 -0.39 -0.99
N CYS A 186 0.32 -0.59 -1.96
CA CYS A 186 -0.51 -1.81 -2.00
C CYS A 186 -0.21 -2.57 -3.30
N LEU A 187 -0.49 -3.88 -3.35
CA LEU A 187 -0.28 -4.73 -4.54
C LEU A 187 -1.59 -5.50 -4.89
N VAL A 188 -1.78 -5.81 -6.18
CA VAL A 188 -2.99 -6.48 -6.73
C VAL A 188 -2.58 -7.78 -7.44
N GLY A 189 -3.14 -8.90 -7.03
CA GLY A 189 -2.75 -10.21 -7.58
C GLY A 189 -3.87 -10.85 -8.38
N GLN A 190 -3.69 -12.13 -8.68
CA GLN A 190 -4.66 -12.95 -9.43
C GLN A 190 -6.03 -12.62 -8.83
N GLY A 191 -7.00 -12.38 -9.72
CA GLY A 191 -8.43 -12.30 -9.38
C GLY A 191 -8.76 -11.03 -8.63
N LEU A 192 -7.85 -10.06 -8.62
CA LEU A 192 -8.08 -8.77 -7.94
C LEU A 192 -8.05 -8.95 -6.42
N VAL A 193 -7.19 -9.86 -5.94
CA VAL A 193 -6.81 -9.86 -4.50
C VAL A 193 -5.96 -8.61 -4.27
N VAL A 194 -6.26 -7.87 -3.21
CA VAL A 194 -5.55 -6.61 -2.85
C VAL A 194 -4.94 -6.78 -1.45
N LYS A 195 -3.63 -6.54 -1.33
CA LYS A 195 -2.89 -6.68 -0.06
C LYS A 195 -2.01 -5.45 0.13
N ILE A 196 -1.52 -5.27 1.38
CA ILE A 196 -0.59 -4.18 1.72
C ILE A 196 0.78 -4.73 1.34
N GLY A 197 1.60 -3.97 0.62
CA GLY A 197 2.85 -4.58 0.15
C GLY A 197 4.10 -3.86 0.61
N ASP A 198 4.01 -2.60 0.97
CA ASP A 198 5.23 -1.91 1.43
C ASP A 198 4.97 -1.19 2.74
N PHE A 199 6.03 -0.90 3.49
CA PHE A 199 5.91 -0.18 4.77
C PHE A 199 6.94 0.94 4.78
N GLY A 200 8.14 0.67 5.28
CA GLY A 200 9.21 1.68 5.34
C GLY A 200 10.06 1.67 4.08
N MET A 201 11.08 2.53 4.04
CA MET A 201 12.03 2.67 2.91
C MET A 201 11.27 3.01 1.62
N SER A 202 10.87 4.28 1.48
CA SER A 202 10.11 4.77 0.30
C SER A 202 10.90 4.56 -0.99
N ARG A 203 10.29 3.88 -1.95
CA ARG A 203 10.93 3.52 -3.25
C ARG A 203 11.33 4.76 -4.05
N ASP A 204 10.37 5.40 -4.71
CA ASP A 204 10.68 6.60 -5.55
C ASP A 204 11.12 7.76 -4.67
N ILE A 205 12.38 8.19 -4.81
CA ILE A 205 12.91 9.33 -4.00
C ILE A 205 12.51 10.64 -4.66
N TYR A 206 12.16 10.58 -5.95
CA TYR A 206 11.73 11.80 -6.67
C TYR A 206 10.21 11.74 -6.82
N SER A 207 9.55 10.93 -5.98
CA SER A 207 8.07 10.80 -6.00
C SER A 207 7.47 12.14 -5.62
N THR A 208 6.38 12.54 -6.29
CA THR A 208 5.79 13.87 -6.03
C THR A 208 4.85 13.83 -4.82
N ASP A 209 4.54 12.64 -4.31
CA ASP A 209 3.60 12.53 -3.15
C ASP A 209 4.35 12.80 -1.85
N TYR A 210 5.67 12.74 -1.88
CA TYR A 210 6.48 12.94 -0.66
C TYR A 210 7.03 14.36 -0.63
N TYR A 211 7.09 14.96 0.56
CA TYR A 211 7.63 16.32 0.73
C TYR A 211 8.94 16.24 1.51
N ARG A 212 10.01 16.80 0.93
CA ARG A 212 11.36 16.78 1.56
C ARG A 212 11.41 17.86 2.65
N VAL A 213 11.47 17.45 3.94
CA VAL A 213 11.31 18.32 5.15
C VAL A 213 12.70 18.61 5.77
N GLY A 214 13.52 17.60 6.03
CA GLY A 214 14.97 17.75 6.26
C GLY A 214 15.74 17.37 5.01
N GLY A 215 16.95 16.82 5.18
CA GLY A 215 17.55 15.85 4.23
C GLY A 215 17.26 14.43 4.71
N ARG A 216 17.13 13.47 3.79
CA ARG A 216 16.87 12.01 4.05
C ARG A 216 15.62 11.80 4.93
N THR A 217 14.74 12.80 4.97
CA THR A 217 13.46 12.73 5.74
C THR A 217 12.34 13.24 4.84
N MET A 218 11.48 12.35 4.36
CA MET A 218 10.36 12.73 3.47
C MET A 218 9.07 12.07 3.95
N LEU A 219 7.98 12.83 4.00
CA LEU A 219 6.69 12.28 4.46
C LEU A 219 5.67 12.42 3.33
N PRO A 220 4.65 11.54 3.22
CA PRO A 220 3.62 11.65 2.20
C PRO A 220 2.58 12.60 2.79
N ILE A 221 2.88 13.89 2.73
CA ILE A 221 2.07 14.99 3.32
C ILE A 221 0.61 14.80 2.94
N ARG A 222 0.36 14.70 1.66
CA ARG A 222 -1.02 14.71 1.14
C ARG A 222 -1.84 13.63 1.87
N TRP A 223 -1.23 12.57 2.39
CA TRP A 223 -1.97 11.45 3.03
C TRP A 223 -2.14 11.69 4.52
N MET A 224 -1.48 12.72 5.03
CA MET A 224 -1.23 12.91 6.48
C MET A 224 -2.32 13.77 7.07
N PRO A 225 -2.73 13.48 8.32
CA PRO A 225 -3.72 14.28 9.04
C PRO A 225 -3.06 15.47 9.73
N PRO A 226 -3.87 16.45 10.17
CA PRO A 226 -3.34 17.67 10.77
C PRO A 226 -2.44 17.37 11.97
N GLU A 227 -2.89 16.51 12.88
CA GLU A 227 -2.11 16.20 14.10
C GLU A 227 -0.71 15.72 13.69
N SER A 228 -0.56 15.29 12.44
CA SER A 228 0.72 14.74 11.96
C SER A 228 1.52 15.82 11.26
N ILE A 229 0.87 16.72 10.56
CA ILE A 229 1.67 17.78 9.90
C ILE A 229 2.10 18.75 11.00
N LEU A 230 1.19 19.03 11.92
CA LEU A 230 1.39 20.02 13.01
C LEU A 230 2.26 19.46 14.15
N TYR A 231 1.70 18.58 14.98
CA TYR A 231 2.41 18.05 16.17
C TYR A 231 3.29 16.83 15.85
N ARG A 232 3.40 16.45 14.57
CA ARG A 232 4.17 15.26 14.14
C ARG A 232 3.85 14.05 15.02
N LYS A 233 2.57 13.75 15.17
CA LYS A 233 2.09 12.59 15.95
C LYS A 233 1.43 11.63 14.97
N PHE A 234 1.75 10.34 15.05
CA PHE A 234 1.14 9.36 14.11
C PHE A 234 0.46 8.25 14.91
N THR A 235 -0.85 8.09 14.74
CA THR A 235 -1.57 7.04 15.51
C THR A 235 -2.64 6.38 14.66
N THR A 236 -2.91 5.11 14.95
CA THR A 236 -3.96 4.30 14.28
C THR A 236 -5.07 5.21 13.74
N GLU A 237 -5.33 6.35 14.39
CA GLU A 237 -6.29 7.37 13.93
C GLU A 237 -5.70 8.09 12.72
N SER A 238 -4.40 8.40 12.74
CA SER A 238 -3.64 9.02 11.61
C SER A 238 -3.79 8.13 10.37
N ASP A 239 -3.58 6.83 10.57
CA ASP A 239 -3.81 5.73 9.60
C ASP A 239 -5.23 5.83 9.05
N VAL A 240 -6.23 5.90 9.93
CA VAL A 240 -7.67 5.91 9.52
C VAL A 240 -7.88 7.10 8.58
N TRP A 241 -7.32 8.24 8.95
CA TRP A 241 -7.31 9.47 8.13
C TRP A 241 -6.71 9.14 6.79
N SER A 242 -5.50 8.60 6.81
CA SER A 242 -4.75 8.22 5.60
C SER A 242 -5.60 7.30 4.75
N PHE A 243 -6.32 6.36 5.37
CA PHE A 243 -7.15 5.39 4.62
C PHE A 243 -8.30 6.08 3.90
N GLY A 244 -8.82 7.17 4.46
CA GLY A 244 -9.86 7.95 3.79
C GLY A 244 -9.32 8.47 2.47
N VAL A 245 -8.08 8.96 2.46
CA VAL A 245 -7.42 9.44 1.22
C VAL A 245 -7.24 8.26 0.26
N VAL A 246 -6.95 7.07 0.78
CA VAL A 246 -6.81 5.87 -0.07
C VAL A 246 -8.14 5.63 -0.79
N LEU A 247 -9.25 5.74 -0.07
CA LEU A 247 -10.58 5.58 -0.72
C LEU A 247 -10.66 6.61 -1.83
N TRP A 248 -10.36 7.87 -1.51
CA TRP A 248 -10.38 8.96 -2.51
C TRP A 248 -9.54 8.56 -3.72
N GLU A 249 -8.31 8.11 -3.48
CA GLU A 249 -7.44 7.65 -4.59
C GLU A 249 -8.17 6.55 -5.36
N ILE A 250 -8.72 5.56 -4.63
CA ILE A 250 -9.43 4.40 -5.24
C ILE A 250 -10.61 4.85 -6.09
N PHE A 251 -11.32 5.91 -5.70
CA PHE A 251 -12.50 6.34 -6.49
C PHE A 251 -12.15 7.44 -7.50
N THR A 252 -10.85 7.60 -7.78
CA THR A 252 -10.37 8.57 -8.78
C THR A 252 -9.45 7.80 -9.71
N TYR A 253 -9.47 6.47 -9.60
CA TYR A 253 -8.62 5.62 -10.46
C TYR A 253 -7.18 6.15 -10.39
N GLY A 254 -6.75 6.34 -9.13
CA GLY A 254 -5.36 6.60 -8.74
C GLY A 254 -4.90 8.06 -8.82
N LYS A 255 -5.78 9.06 -8.87
CA LYS A 255 -5.37 10.49 -8.90
C LYS A 255 -4.57 10.88 -7.66
N GLN A 256 -3.65 11.84 -7.82
CA GLN A 256 -2.87 12.31 -6.66
C GLN A 256 -3.73 13.28 -5.88
N PRO A 257 -3.97 13.07 -4.58
CA PRO A 257 -4.81 13.95 -3.80
C PRO A 257 -4.25 15.36 -3.94
N TRP A 258 -5.11 16.37 -4.07
CA TRP A 258 -4.69 17.79 -4.21
C TRP A 258 -3.63 17.88 -5.30
N TYR A 259 -3.90 17.33 -6.48
CA TYR A 259 -2.92 17.33 -7.61
C TYR A 259 -2.73 18.73 -8.16
N GLN A 260 -3.76 19.56 -8.05
CA GLN A 260 -3.74 20.96 -8.51
C GLN A 260 -2.81 21.79 -7.62
N LEU A 261 -2.68 21.42 -6.35
CA LEU A 261 -1.92 22.19 -5.34
C LEU A 261 -0.47 21.76 -5.24
N SER A 262 0.31 22.55 -4.51
CA SER A 262 1.74 22.30 -4.22
C SER A 262 1.87 21.64 -2.85
N ASN A 263 3.06 21.15 -2.53
CA ASN A 263 3.28 20.49 -1.23
C ASN A 263 2.89 21.44 -0.11
N THR A 264 3.23 22.72 -0.22
CA THR A 264 2.85 23.67 0.84
C THR A 264 1.35 23.96 0.73
N GLU A 265 0.82 24.06 -0.48
CA GLU A 265 -0.61 24.39 -0.61
C GLU A 265 -1.45 23.31 0.08
N ALA A 266 -1.16 22.03 -0.20
CA ALA A 266 -1.81 20.87 0.44
C ALA A 266 -1.69 20.93 1.97
N ILE A 267 -0.50 21.26 2.51
CA ILE A 267 -0.30 21.40 3.98
C ILE A 267 -1.30 22.45 4.47
N ASP A 268 -1.32 23.63 3.85
CA ASP A 268 -2.28 24.73 4.16
C ASP A 268 -3.67 24.10 4.18
N CYS A 269 -4.05 23.40 3.11
CA CYS A 269 -5.44 22.89 2.95
C CYS A 269 -5.77 22.00 4.11
N ILE A 270 -5.01 20.93 4.27
CA ILE A 270 -5.21 19.94 5.35
C ILE A 270 -5.36 20.70 6.67
N THR A 271 -4.42 21.62 6.96
CA THR A 271 -4.26 22.30 8.28
C THR A 271 -5.43 23.25 8.50
N GLN A 272 -5.77 24.01 7.47
CA GLN A 272 -6.96 24.91 7.47
C GLN A 272 -8.22 24.06 7.65
N GLY A 273 -8.28 22.88 7.06
CA GLY A 273 -9.44 21.99 7.26
C GLY A 273 -10.17 21.76 5.95
N ARG A 274 -9.69 22.32 4.84
CA ARG A 274 -10.21 21.97 3.48
C ARG A 274 -10.21 20.43 3.36
N GLU A 275 -11.26 19.88 2.73
CA GLU A 275 -11.48 18.43 2.49
C GLU A 275 -11.46 18.13 0.99
N LEU A 276 -11.03 16.92 0.63
CA LEU A 276 -11.00 16.51 -0.78
C LEU A 276 -12.43 16.41 -1.30
N GLU A 277 -12.66 16.95 -2.50
CA GLU A 277 -14.00 16.96 -3.14
C GLU A 277 -14.50 15.51 -3.29
N ARG A 278 -15.79 15.33 -3.48
CA ARG A 278 -16.28 13.96 -3.77
C ARG A 278 -15.83 13.59 -5.18
N PRO A 279 -15.29 12.38 -5.38
CA PRO A 279 -15.07 11.88 -6.72
C PRO A 279 -16.40 11.63 -7.46
N ARG A 280 -16.43 11.97 -8.74
CA ARG A 280 -17.55 11.68 -9.68
C ARG A 280 -18.00 10.22 -9.53
N ALA A 281 -17.08 9.26 -9.54
CA ALA A 281 -17.38 7.79 -9.50
C ALA A 281 -17.90 7.35 -8.10
N CYS A 282 -17.91 8.24 -7.09
CA CYS A 282 -17.99 7.89 -5.64
C CYS A 282 -19.40 8.09 -5.05
N PRO A 283 -20.16 7.00 -4.75
CA PRO A 283 -21.47 7.12 -4.10
C PRO A 283 -21.40 7.94 -2.83
N PRO A 284 -22.49 8.60 -2.39
CA PRO A 284 -22.43 9.44 -1.20
C PRO A 284 -22.30 8.61 0.09
N GLU A 285 -22.72 7.33 0.10
CA GLU A 285 -22.52 6.37 1.24
C GLU A 285 -21.03 6.15 1.56
N VAL A 286 -20.14 6.26 0.55
CA VAL A 286 -18.66 6.04 0.64
C VAL A 286 -18.01 7.39 1.00
N TYR A 287 -18.37 8.45 0.29
CA TYR A 287 -17.95 9.83 0.63
C TYR A 287 -18.14 10.02 2.11
N ALA A 288 -19.28 9.54 2.61
CA ALA A 288 -19.70 9.57 4.03
C ALA A 288 -18.62 8.89 4.88
N ILE A 289 -18.21 7.69 4.46
CA ILE A 289 -17.16 6.90 5.16
C ILE A 289 -15.87 7.71 5.19
N MET A 290 -15.47 8.23 4.02
CA MET A 290 -14.29 9.11 3.82
C MET A 290 -14.33 10.26 4.84
N ARG A 291 -15.51 10.85 5.05
CA ARG A 291 -15.66 12.11 5.83
C ARG A 291 -15.49 11.78 7.31
N GLY A 292 -15.78 10.53 7.69
CA GLY A 292 -15.62 10.03 9.07
C GLY A 292 -14.19 9.64 9.38
N CYS A 293 -13.38 9.40 8.34
CA CYS A 293 -11.92 9.17 8.42
C CYS A 293 -11.20 10.50 8.60
N TRP A 294 -11.80 11.62 8.19
CA TRP A 294 -11.17 12.97 8.12
C TRP A 294 -11.68 13.91 9.22
N GLN A 295 -12.33 13.40 10.29
CA GLN A 295 -12.66 14.21 11.49
C GLN A 295 -11.40 14.93 11.98
N ARG A 296 -11.44 16.25 12.14
CA ARG A 296 -10.29 17.01 12.67
C ARG A 296 -9.94 16.45 14.04
N GLU A 297 -10.90 16.07 14.87
CA GLU A 297 -10.62 15.44 16.18
C GLU A 297 -10.24 13.97 15.96
N PRO A 298 -8.97 13.55 16.19
CA PRO A 298 -8.58 12.14 16.02
C PRO A 298 -9.54 11.20 16.73
N GLN A 299 -9.94 11.55 17.95
CA GLN A 299 -10.79 10.67 18.81
C GLN A 299 -12.14 10.49 18.14
N GLN A 300 -12.60 11.47 17.37
CA GLN A 300 -13.92 11.47 16.72
C GLN A 300 -13.87 10.76 15.37
N ARG A 301 -12.73 10.18 14.95
CA ARG A 301 -12.63 9.42 13.66
C ARG A 301 -13.12 7.99 13.91
N HIS A 302 -13.82 7.43 12.94
CA HIS A 302 -14.43 6.08 13.04
C HIS A 302 -13.31 5.09 13.27
N SER A 303 -13.52 4.11 14.16
CA SER A 303 -12.68 2.88 14.28
C SER A 303 -12.47 2.33 12.88
N ILE A 304 -11.25 1.86 12.58
CA ILE A 304 -10.99 1.20 11.28
C ILE A 304 -11.97 0.04 11.12
N LYS A 305 -12.17 -0.76 12.19
CA LYS A 305 -13.02 -1.98 12.21
C LYS A 305 -14.40 -1.64 11.66
N ASP A 306 -14.96 -0.51 12.09
CA ASP A 306 -16.29 -0.04 11.65
C ASP A 306 -16.22 0.36 10.17
N VAL A 307 -15.18 1.09 9.77
CA VAL A 307 -14.93 1.48 8.35
C VAL A 307 -14.88 0.20 7.50
N HIS A 308 -14.14 -0.81 7.96
CA HIS A 308 -14.00 -2.08 7.22
C HIS A 308 -15.37 -2.69 7.01
N ALA A 309 -16.09 -2.89 8.12
CA ALA A 309 -17.45 -3.45 8.17
C ALA A 309 -18.35 -2.82 7.09
N ARG A 310 -18.54 -1.50 7.14
CA ARG A 310 -19.43 -0.73 6.22
C ARG A 310 -19.00 -0.92 4.74
N LEU A 311 -17.69 -0.93 4.48
CA LEU A 311 -17.14 -1.12 3.12
C LEU A 311 -17.44 -2.55 2.67
N GLN A 312 -17.31 -3.53 3.59
CA GLN A 312 -17.57 -4.96 3.29
C GLN A 312 -19.04 -5.10 2.97
N ALA A 313 -19.90 -4.59 3.86
CA ALA A 313 -21.37 -4.50 3.63
C ALA A 313 -21.68 -3.90 2.25
N LEU A 314 -21.27 -2.65 1.97
CA LEU A 314 -21.45 -1.97 0.65
C LEU A 314 -20.90 -2.79 -0.52
N ALA A 315 -19.80 -3.52 -0.33
CA ALA A 315 -19.16 -4.37 -1.36
C ALA A 315 -20.12 -5.50 -1.71
N GLN A 316 -20.81 -6.03 -0.68
CA GLN A 316 -21.79 -7.14 -0.76
C GLN A 316 -23.02 -6.70 -1.56
N ALA A 317 -23.43 -5.43 -1.51
CA ALA A 317 -24.65 -4.92 -2.18
C ALA A 317 -24.42 -3.48 -2.64
N PRO A 318 -23.66 -3.31 -3.74
CA PRO A 318 -23.24 -1.97 -4.20
C PRO A 318 -24.40 -1.03 -4.50
N PRO A 319 -24.55 0.10 -3.80
CA PRO A 319 -25.66 1.02 -4.09
C PRO A 319 -25.56 1.54 -5.52
N VAL A 320 -26.69 1.95 -6.11
CA VAL A 320 -26.75 2.39 -7.53
C VAL A 320 -26.39 3.88 -7.51
N TYR A 321 -25.77 4.37 -8.56
CA TYR A 321 -25.26 5.76 -8.61
C TYR A 321 -24.82 6.09 -10.04
N LEU A 322 -25.33 7.19 -10.63
CA LEU A 322 -25.11 7.58 -12.07
C LEU A 322 -24.49 8.99 -12.17
N ASP A 323 -24.05 9.36 -13.39
CA ASP A 323 -23.38 10.64 -13.74
C ASP A 323 -22.56 11.12 -12.54
C 7GI B . 5.57 -5.56 -8.06
O 7GI B . 5.01 -5.39 -9.17
N 7GI B . 6.14 -4.43 -7.44
C1 7GI B . 6.16 -3.13 -8.09
C2 7GI B . 7.18 -2.28 -7.39
C3 7GI B . 8.55 -2.60 -7.95
O1 7GI B . 7.34 -2.57 -6.04
C4 7GI B . 6.34 -2.45 -5.12
C5 7GI B . 5.24 -1.64 -5.32
C6 7GI B . 4.28 -1.54 -4.34
C7 7GI B . 4.40 -2.28 -3.18
F 7GI B . 3.41 -2.18 -2.18
C8 7GI B . 5.49 -3.13 -2.99
C9 7GI B . 6.50 -3.23 -3.94
C10 7GI B . 7.66 -4.11 -3.72
C11 7GI B . 8.68 -3.53 -2.74
N1 7GI B . 7.35 -5.47 -3.24
C17 7GI B . 6.68 -6.33 -4.09
N4 7GI B . 6.41 -6.01 -5.37
C13 7GI B . 5.71 -6.86 -6.11
C12 7GI B . 5.36 -6.70 -7.36
C14 7GI B . 4.67 -7.83 -7.63
N3 7GI B . 4.62 -8.66 -6.59
N2 7GI B . 5.28 -8.01 -5.65
C15 7GI B . 5.55 -8.41 -4.36
C16 7GI B . 6.28 -7.54 -3.57
S SO4 C . -12.43 14.03 -9.21
O1 SO4 C . -12.80 14.06 -7.81
O2 SO4 C . -11.03 14.39 -9.35
O3 SO4 C . -12.67 12.72 -9.79
O4 SO4 C . -13.23 14.98 -9.92
S SO4 D . -12.97 -8.68 2.94
O1 SO4 D . -12.03 -8.00 3.77
O2 SO4 D . -14.29 -8.18 3.21
O3 SO4 D . -12.92 -10.08 3.20
O4 SO4 D . -12.66 -8.45 1.56
S SO4 E . -3.14 12.80 -12.43
O1 SO4 E . -3.97 13.88 -12.89
O2 SO4 E . -3.05 12.84 -10.99
O3 SO4 E . -1.83 12.92 -12.98
O4 SO4 E . -3.71 11.55 -12.84
S SO4 F . -11.81 -10.57 -4.50
O1 SO4 F . -11.39 -10.95 -3.18
O2 SO4 F . -13.24 -10.44 -4.53
O3 SO4 F . -11.21 -9.33 -4.86
O4 SO4 F . -11.40 -11.58 -5.44
S SO4 G . 18.59 -10.65 -14.62
O1 SO4 G . 18.96 -11.52 -13.55
O2 SO4 G . 18.90 -9.30 -14.26
O3 SO4 G . 19.31 -11.02 -15.81
O4 SO4 G . 17.18 -10.77 -14.86
#